data_4J4N
#
_entry.id   4J4N
#
_cell.length_a   69.927
_cell.length_b   69.927
_cell.length_c   186.877
_cell.angle_alpha   90.00
_cell.angle_beta   90.00
_cell.angle_gamma   90.00
#
_symmetry.space_group_name_H-M   'P 43 21 2'
#
loop_
_entity.id
_entity.type
_entity.pdbx_description
1 polymer 'FK506-binding protein (FKBP)-type peptidyl-propyl isomerase'
2 non-polymer N-(2-ethylphenyl)-2-(3H-imidazo[4,5-b]pyridin-2-ylsulfanyl)acetamide
3 water water
#
_entity_poly.entity_id   1
_entity_poly.type   'polypeptide(L)'
_entity_poly.pdbx_seq_one_letter_code
;MTTEQEFEKVELTADGGVIKTILKKGDEGEENIPKKGNEVTVHYVGKLESTGKVFDSSFDRNVPFKFHLEQGEVIKGWDI
CVSSMRKNEKCLVRIESMYGYGDEGCGESIPGNSVLLFEIELLSFRELE
;
_entity_poly.pdbx_strand_id   A,B,C
#
loop_
_chem_comp.id
_chem_comp.type
_chem_comp.name
_chem_comp.formula
D44 non-polymer N-(2-ethylphenyl)-2-(3H-imidazo[4,5-b]pyridin-2-ylsulfanyl)acetamide 'C16 H16 N4 O S'
#
# COMPACT_ATOMS: atom_id res chain seq x y z
N PHE A 7 9.58 -1.61 23.65
CA PHE A 7 10.57 -1.50 24.79
C PHE A 7 12.06 -1.70 24.43
N GLU A 8 12.44 -2.84 23.84
CA GLU A 8 13.87 -3.16 23.58
C GLU A 8 14.50 -2.33 22.44
N LYS A 9 15.53 -1.54 22.76
CA LYS A 9 16.19 -0.62 21.81
C LYS A 9 17.54 -1.16 21.35
N VAL A 10 17.62 -1.49 20.06
CA VAL A 10 18.79 -2.10 19.45
C VAL A 10 19.47 -1.11 18.50
N GLU A 11 20.78 -0.95 18.68
CA GLU A 11 21.58 -0.16 17.76
C GLU A 11 22.08 -1.13 16.69
N LEU A 12 21.61 -0.96 15.45
CA LEU A 12 21.87 -1.93 14.39
C LEU A 12 23.13 -1.64 13.60
N THR A 13 23.53 -0.37 13.57
CA THR A 13 24.81 0.01 13.01
C THR A 13 25.71 0.59 14.11
N ALA A 14 27.02 0.35 14.03
CA ALA A 14 27.97 1.03 14.92
C ALA A 14 27.82 2.55 14.72
N ASP A 15 27.42 2.92 13.52
CA ASP A 15 27.19 4.30 13.10
C ASP A 15 26.02 4.94 13.86
N GLY A 16 25.17 4.07 14.43
CA GLY A 16 23.92 4.50 15.04
C GLY A 16 22.85 4.81 14.01
N GLY A 17 23.15 4.60 12.73
CA GLY A 17 22.24 5.00 11.63
C GLY A 17 20.87 4.32 11.58
N VAL A 18 20.86 3.04 11.94
CA VAL A 18 19.65 2.26 12.06
C VAL A 18 19.45 1.91 13.53
N ILE A 19 18.35 2.39 14.11
CA ILE A 19 18.00 2.15 15.49
C ILE A 19 16.61 1.53 15.59
N LYS A 20 16.56 0.30 16.08
CA LYS A 20 15.34 -0.50 16.10
C LYS A 20 14.77 -0.64 17.52
N THR A 21 13.45 -0.50 17.64
CA THR A 21 12.78 -0.72 18.90
C THR A 21 11.80 -1.88 18.71
N ILE A 22 11.98 -2.95 19.46
CA ILE A 22 11.05 -4.08 19.32
C ILE A 22 9.71 -3.80 20.02
N LEU A 23 8.62 -4.00 19.29
CA LEU A 23 7.28 -3.79 19.84
C LEU A 23 6.59 -5.10 20.19
N LYS A 24 6.87 -6.14 19.40
CA LYS A 24 6.35 -7.47 19.65
C LYS A 24 7.44 -8.46 19.29
N LYS A 25 7.93 -9.18 20.30
CA LYS A 25 8.89 -10.26 20.10
C LYS A 25 8.40 -11.20 19.01
N GLY A 26 9.31 -11.60 18.12
CA GLY A 26 8.95 -12.57 17.09
C GLY A 26 8.77 -13.97 17.63
N ASP A 27 8.29 -14.88 16.78
CA ASP A 27 8.22 -16.30 17.11
C ASP A 27 9.62 -16.83 17.41
N GLU A 28 9.76 -17.50 18.55
CA GLU A 28 11.04 -18.03 19.01
C GLU A 28 11.40 -19.31 18.25
N GLY A 29 12.69 -19.67 18.24
CA GLY A 29 13.19 -20.82 17.48
C GLY A 29 14.09 -20.39 16.33
N GLU A 30 14.59 -21.37 15.56
CA GLU A 30 15.52 -21.07 14.46
C GLU A 30 14.86 -20.90 13.10
N GLU A 31 14.02 -21.88 12.72
CA GLU A 31 13.31 -21.81 11.43
C GLU A 31 12.41 -20.56 11.29
N ASN A 32 12.40 -19.73 12.34
CA ASN A 32 11.64 -18.49 12.37
C ASN A 32 12.43 -17.20 12.08
N ILE A 33 13.76 -17.29 12.05
CA ILE A 33 14.59 -16.11 11.74
C ILE A 33 15.15 -16.19 10.32
N PRO A 34 14.79 -15.21 9.46
CA PRO A 34 15.08 -15.25 8.02
C PRO A 34 16.56 -15.00 7.70
N LYS A 35 17.01 -15.65 6.63
CA LYS A 35 18.42 -15.69 6.26
C LYS A 35 18.64 -14.97 4.94
N LYS A 36 19.87 -14.49 4.73
CA LYS A 36 20.24 -13.73 3.52
C LYS A 36 19.73 -14.36 2.23
N GLY A 37 19.25 -13.51 1.33
CA GLY A 37 18.78 -13.94 0.01
C GLY A 37 17.38 -14.53 -0.02
N ASN A 38 16.76 -14.67 1.16
CA ASN A 38 15.40 -15.18 1.22
C ASN A 38 14.36 -14.15 0.81
N GLU A 39 13.29 -14.60 0.17
CA GLU A 39 12.17 -13.75 -0.13
C GLU A 39 11.47 -13.46 1.17
N VAL A 40 11.62 -12.21 1.57
CA VAL A 40 11.00 -11.67 2.76
C VAL A 40 9.67 -11.02 2.36
N THR A 41 8.69 -11.15 3.25
CA THR A 41 7.42 -10.47 3.09
C THR A 41 7.18 -9.65 4.33
N VAL A 42 7.05 -8.33 4.14
CA VAL A 42 6.78 -7.43 5.26
C VAL A 42 5.55 -6.55 5.03
N HIS A 43 4.96 -6.12 6.13
CA HIS A 43 4.03 -4.98 6.15
C HIS A 43 4.75 -3.82 6.85
N TYR A 44 4.47 -2.59 6.42
CA TYR A 44 5.20 -1.44 6.96
C TYR A 44 4.44 -0.13 6.88
N VAL A 45 4.83 0.81 7.73
CA VAL A 45 4.38 2.19 7.63
C VAL A 45 5.63 3.07 7.64
N GLY A 46 5.69 4.00 6.69
CA GLY A 46 6.80 4.92 6.61
C GLY A 46 6.34 6.33 6.83
N LYS A 47 6.89 6.96 7.86
CA LYS A 47 6.68 8.39 8.10
C LYS A 47 8.02 9.11 8.10
N LEU A 48 7.95 10.43 7.89
CA LEU A 48 9.10 11.31 8.00
C LEU A 48 9.23 11.79 9.45
N GLU A 49 10.41 11.65 10.03
CA GLU A 49 10.60 12.07 11.43
C GLU A 49 10.26 13.54 11.64
N SER A 50 10.70 14.38 10.71
CA SER A 50 10.40 15.80 10.73
C SER A 50 8.92 16.10 10.98
N THR A 51 8.04 15.61 10.11
CA THR A 51 6.64 16.02 10.19
C THR A 51 5.68 14.95 10.71
N GLY A 52 6.17 13.73 10.88
CA GLY A 52 5.32 12.59 11.29
C GLY A 52 4.28 12.22 10.24
N LYS A 53 4.45 12.76 9.04
CA LYS A 53 3.55 12.50 7.92
C LYS A 53 3.83 11.12 7.29
N VAL A 54 2.79 10.32 7.12
CA VAL A 54 2.93 9.04 6.44
C VAL A 54 3.23 9.31 4.98
N PHE A 55 4.27 8.70 4.45
CA PHE A 55 4.52 8.74 3.02
C PHE A 55 4.15 7.44 2.31
N ASP A 56 4.03 6.37 3.09
CA ASP A 56 3.75 5.05 2.55
C ASP A 56 3.24 4.09 3.59
N SER A 57 2.25 3.31 3.20
CA SER A 57 1.67 2.33 4.09
C SER A 57 1.27 1.12 3.31
N SER A 58 1.92 -0.01 3.56
CA SER A 58 1.53 -1.25 2.90
C SER A 58 0.22 -1.75 3.49
N PHE A 59 0.00 -1.49 4.78
CA PHE A 59 -1.25 -1.77 5.47
C PHE A 59 -2.44 -1.09 4.76
N ASP A 60 -2.29 0.18 4.46
CA ASP A 60 -3.37 0.98 3.86
C ASP A 60 -3.67 0.56 2.42
N ARG A 61 -2.68 -0.01 1.73
CA ARG A 61 -2.88 -0.51 0.37
C ARG A 61 -3.26 -1.98 0.39
N ASN A 62 -3.10 -2.61 1.55
CA ASN A 62 -3.38 -4.05 1.75
C ASN A 62 -2.62 -4.92 0.76
N VAL A 63 -1.35 -4.57 0.55
CA VAL A 63 -0.44 -5.31 -0.29
C VAL A 63 0.89 -5.37 0.43
N PRO A 64 1.22 -6.53 1.02
CA PRO A 64 2.48 -6.73 1.72
C PRO A 64 3.63 -6.61 0.74
N PHE A 65 4.80 -6.19 1.23
CA PHE A 65 5.97 -5.96 0.38
C PHE A 65 6.84 -7.19 0.44
N LYS A 66 7.15 -7.75 -0.72
CA LYS A 66 8.08 -8.88 -0.77
C LYS A 66 9.40 -8.41 -1.35
N PHE A 67 10.52 -8.86 -0.79
CA PHE A 67 11.82 -8.62 -1.41
C PHE A 67 12.86 -9.65 -0.98
N HIS A 68 13.96 -9.70 -1.72
CA HIS A 68 15.07 -10.59 -1.40
C HIS A 68 16.07 -9.87 -0.51
N LEU A 69 16.24 -10.46 0.68
CA LEU A 69 17.01 -9.87 1.79
C LEU A 69 18.50 -9.63 1.50
N GLU A 70 18.94 -8.42 1.82
CA GLU A 70 20.35 -8.03 1.75
C GLU A 70 20.93 -8.01 0.35
N GLN A 71 20.10 -8.34 -0.64
CA GLN A 71 20.50 -8.32 -2.06
C GLN A 71 20.33 -6.98 -2.77
N GLY A 72 20.27 -5.89 -2.01
CA GLY A 72 20.28 -4.53 -2.59
C GLY A 72 19.04 -4.05 -3.33
N GLU A 73 17.86 -4.59 -3.01
CA GLU A 73 16.63 -4.24 -3.70
C GLU A 73 15.90 -3.04 -3.10
N VAL A 74 16.03 -2.90 -1.78
CA VAL A 74 15.36 -1.87 -1.00
C VAL A 74 16.38 -0.92 -0.40
N ILE A 75 15.96 -0.06 0.52
CA ILE A 75 16.88 0.86 1.19
C ILE A 75 17.76 0.12 2.20
N LYS A 76 18.97 0.60 2.41
CA LYS A 76 19.94 -0.14 3.23
C LYS A 76 19.49 -0.33 4.69
N GLY A 77 18.92 0.72 5.27
CA GLY A 77 18.17 0.64 6.52
C GLY A 77 17.23 -0.56 6.60
N TRP A 78 16.46 -0.81 5.53
CA TRP A 78 15.58 -1.97 5.46
C TRP A 78 16.30 -3.32 5.45
N ASP A 79 17.37 -3.44 4.66
CA ASP A 79 18.17 -4.67 4.63
C ASP A 79 18.72 -4.99 6.02
N ILE A 80 19.43 -4.02 6.59
CA ILE A 80 19.97 -4.16 7.92
C ILE A 80 18.86 -4.56 8.87
N CYS A 81 17.89 -3.66 9.05
CA CYS A 81 16.75 -3.92 9.92
C CYS A 81 16.12 -5.31 9.77
N VAL A 82 15.77 -5.70 8.55
CA VAL A 82 15.03 -6.96 8.34
C VAL A 82 15.89 -8.20 8.63
N SER A 83 17.20 -8.11 8.37
CA SER A 83 18.09 -9.23 8.65
C SER A 83 18.37 -9.41 10.14
N SER A 84 17.54 -8.80 10.98
CA SER A 84 17.73 -8.81 12.42
C SER A 84 16.43 -9.15 13.12
N MET A 85 15.48 -9.68 12.37
CA MET A 85 14.14 -9.87 12.88
C MET A 85 13.73 -11.32 12.94
N ARG A 86 12.71 -11.62 13.74
CA ARG A 86 12.06 -12.92 13.72
C ARG A 86 10.70 -12.81 13.03
N LYS A 87 10.23 -13.92 12.43
CA LYS A 87 8.86 -13.96 11.92
C LYS A 87 7.90 -13.44 12.98
N ASN A 88 6.95 -12.60 12.55
CA ASN A 88 5.91 -12.03 13.43
C ASN A 88 6.42 -10.98 14.43
N GLU A 89 7.69 -10.57 14.28
CA GLU A 89 8.22 -9.41 14.99
C GLU A 89 7.64 -8.11 14.40
N LYS A 90 7.29 -7.18 15.29
CA LYS A 90 6.97 -5.79 14.90
C LYS A 90 8.04 -4.92 15.51
N CYS A 91 8.63 -4.05 14.70
CA CYS A 91 9.60 -3.11 15.21
C CYS A 91 9.35 -1.70 14.74
N LEU A 92 10.02 -0.77 15.40
CA LEU A 92 10.10 0.58 14.94
C LEU A 92 11.54 0.69 14.49
N VAL A 93 11.77 1.25 13.31
CA VAL A 93 13.12 1.51 12.93
C VAL A 93 13.29 2.96 12.54
N ARG A 94 14.24 3.62 13.21
CA ARG A 94 14.65 4.96 12.83
C ARG A 94 15.81 4.80 11.87
N ILE A 95 15.58 5.17 10.61
CA ILE A 95 16.61 5.02 9.60
C ILE A 95 17.08 6.39 9.17
N GLU A 96 18.38 6.64 9.39
CA GLU A 96 18.97 7.91 8.99
C GLU A 96 19.24 8.02 7.49
N SER A 97 18.98 9.22 6.96
CA SER A 97 19.08 9.52 5.52
C SER A 97 20.15 8.77 4.73
N MET A 98 21.33 8.60 5.32
CA MET A 98 22.40 7.82 4.71
C MET A 98 21.95 6.40 4.34
N TYR A 99 21.20 5.76 5.24
CA TYR A 99 20.68 4.41 5.01
C TYR A 99 19.31 4.45 4.34
N GLY A 100 18.88 5.66 4.03
CA GLY A 100 17.62 5.88 3.37
C GLY A 100 17.88 6.37 1.98
N TYR A 101 17.39 7.57 1.69
CA TYR A 101 17.42 8.14 0.34
C TYR A 101 18.49 9.22 0.14
N GLY A 102 19.25 9.49 1.20
CA GLY A 102 20.41 10.34 1.12
C GLY A 102 20.10 11.78 0.81
N ASP A 103 21.08 12.45 0.21
CA ASP A 103 21.01 13.87 -0.08
C ASP A 103 19.98 14.20 -1.15
N GLU A 104 19.72 13.24 -2.03
CA GLU A 104 18.74 13.41 -3.11
C GLU A 104 17.30 13.35 -2.59
N GLY A 105 17.03 12.39 -1.69
CA GLY A 105 15.66 12.13 -1.29
C GLY A 105 14.99 11.29 -2.36
N CYS A 106 13.66 11.29 -2.38
CA CYS A 106 12.94 10.52 -3.36
C CYS A 106 11.65 11.22 -3.69
N GLY A 107 11.68 12.04 -4.74
CA GLY A 107 10.50 12.76 -5.22
C GLY A 107 9.88 13.66 -4.17
N GLU A 108 8.58 13.88 -4.30
CA GLU A 108 7.87 14.84 -3.44
C GLU A 108 7.76 14.38 -1.98
N SER A 109 7.19 13.20 -1.75
CA SER A 109 7.05 12.66 -0.37
C SER A 109 8.26 12.91 0.54
N ILE A 110 9.46 12.67 0.02
CA ILE A 110 10.69 12.58 0.84
C ILE A 110 11.80 13.58 0.45
N PRO A 111 11.93 14.68 1.22
CA PRO A 111 12.98 15.65 0.93
C PRO A 111 14.39 15.09 1.10
N GLY A 112 15.39 15.71 0.48
CA GLY A 112 16.78 15.32 0.71
C GLY A 112 17.07 15.33 2.20
N ASN A 113 18.02 14.50 2.64
CA ASN A 113 18.35 14.37 4.07
C ASN A 113 17.11 14.28 4.98
N SER A 114 16.43 13.13 4.96
CA SER A 114 15.21 12.95 5.74
C SER A 114 15.36 11.73 6.64
N VAL A 115 15.17 11.89 7.94
CA VAL A 115 15.16 10.74 8.82
C VAL A 115 13.87 9.95 8.58
N LEU A 116 13.99 8.65 8.38
CA LEU A 116 12.82 7.82 8.12
C LEU A 116 12.42 7.01 9.35
N LEU A 117 11.11 6.96 9.61
CA LEU A 117 10.56 6.16 10.69
C LEU A 117 9.68 5.10 10.10
N PHE A 118 10.09 3.86 10.21
CA PHE A 118 9.21 2.79 9.79
C PHE A 118 8.69 2.02 10.98
N GLU A 119 7.46 1.57 10.85
CA GLU A 119 7.06 0.38 11.55
C GLU A 119 7.17 -0.76 10.54
N ILE A 120 7.78 -1.87 10.97
CA ILE A 120 7.92 -3.01 10.07
C ILE A 120 7.48 -4.29 10.75
N GLU A 121 6.55 -5.01 10.14
CA GLU A 121 6.15 -6.32 10.60
C GLU A 121 6.68 -7.40 9.65
N LEU A 122 7.37 -8.39 10.17
CA LEU A 122 7.87 -9.46 9.33
C LEU A 122 6.84 -10.58 9.30
N LEU A 123 6.16 -10.72 8.16
CA LEU A 123 5.07 -11.68 8.07
C LEU A 123 5.58 -13.10 7.87
N SER A 124 6.41 -13.31 6.86
CA SER A 124 6.91 -14.64 6.51
C SER A 124 8.14 -14.53 5.63
N PHE A 125 8.62 -15.67 5.16
CA PHE A 125 9.76 -15.73 4.23
C PHE A 125 9.88 -17.10 3.57
N ARG A 126 10.11 -17.11 2.26
CA ARG A 126 10.45 -18.33 1.51
C ARG A 126 11.96 -18.34 1.28
N GLU A 127 12.48 -19.46 0.77
CA GLU A 127 13.91 -19.63 0.46
C GLU A 127 14.15 -19.45 -1.06
N LEU A 128 13.89 -18.24 -1.56
CA LEU A 128 13.74 -17.98 -3.01
C LEU A 128 14.78 -16.99 -3.55
N GLU A 129 15.68 -17.49 -4.40
CA GLU A 129 16.59 -16.71 -5.28
C GLU A 129 17.52 -15.67 -4.64
N PHE B 7 1.75 -1.58 -35.84
CA PHE B 7 2.63 -0.83 -34.88
C PHE B 7 1.89 0.41 -34.34
N GLU B 8 2.17 0.81 -33.09
CA GLU B 8 1.48 1.97 -32.50
C GLU B 8 2.19 2.76 -31.40
N LYS B 9 2.33 4.07 -31.63
CA LYS B 9 3.00 5.00 -30.71
C LYS B 9 2.06 6.11 -30.21
N VAL B 10 1.44 5.90 -29.04
CA VAL B 10 0.48 6.86 -28.46
C VAL B 10 1.14 7.86 -27.49
N GLU B 11 0.87 9.15 -27.71
CA GLU B 11 1.24 10.19 -26.76
C GLU B 11 0.08 10.38 -25.78
N LEU B 12 0.37 10.26 -24.47
CA LEU B 12 -0.66 10.29 -23.43
C LEU B 12 -0.81 11.63 -22.72
N THR B 13 0.12 12.54 -23.01
CA THR B 13 0.23 13.81 -22.29
C THR B 13 0.62 14.90 -23.28
N ALA B 14 -0.26 15.88 -23.44
CA ALA B 14 -0.10 16.92 -24.47
C ALA B 14 1.09 17.87 -24.20
N ASP B 15 1.96 17.48 -23.28
CA ASP B 15 3.26 18.14 -23.10
C ASP B 15 4.44 17.22 -23.49
N GLY B 16 4.12 16.06 -24.05
CA GLY B 16 5.13 15.05 -24.38
C GLY B 16 5.83 14.47 -23.16
N GLY B 17 5.12 14.43 -22.04
CA GLY B 17 5.66 13.93 -20.77
C GLY B 17 5.51 12.44 -20.63
N VAL B 18 4.33 11.91 -21.01
CA VAL B 18 4.12 10.48 -21.02
C VAL B 18 3.82 10.03 -22.44
N ILE B 19 4.67 9.15 -22.98
CA ILE B 19 4.55 8.61 -24.34
C ILE B 19 4.64 7.09 -24.30
N LYS B 20 3.63 6.41 -24.80
CA LYS B 20 3.54 4.95 -24.73
C LYS B 20 3.62 4.28 -26.12
N THR B 21 4.31 3.14 -26.17
CA THR B 21 4.33 2.28 -27.35
C THR B 21 3.78 0.92 -26.94
N ILE B 22 2.86 0.39 -27.73
CA ILE B 22 2.25 -0.92 -27.44
C ILE B 22 3.12 -2.01 -28.09
N LEU B 23 3.33 -3.11 -27.38
CA LEU B 23 4.07 -4.24 -27.94
C LEU B 23 3.14 -5.40 -28.26
N LYS B 24 2.40 -5.89 -27.25
CA LYS B 24 1.34 -6.89 -27.45
C LYS B 24 0.00 -6.30 -27.10
N LYS B 25 -0.95 -6.39 -28.04
CA LYS B 25 -2.28 -5.79 -27.89
C LYS B 25 -3.00 -6.42 -26.71
N GLY B 26 -3.72 -5.57 -25.96
CA GLY B 26 -4.55 -6.03 -24.86
C GLY B 26 -5.89 -6.53 -25.35
N ASP B 27 -6.73 -6.95 -24.41
CA ASP B 27 -8.02 -7.54 -24.71
C ASP B 27 -9.02 -6.50 -25.23
N GLU B 28 -9.91 -6.97 -26.12
CA GLU B 28 -10.88 -6.11 -26.80
C GLU B 28 -12.02 -5.80 -25.84
N GLY B 29 -12.78 -4.74 -26.19
CA GLY B 29 -13.90 -4.28 -25.38
C GLY B 29 -13.46 -3.23 -24.38
N GLU B 30 -14.41 -2.72 -23.60
CA GLU B 30 -14.08 -1.70 -22.60
C GLU B 30 -14.23 -2.21 -21.16
N GLU B 31 -14.78 -3.41 -21.00
CA GLU B 31 -14.79 -4.07 -19.68
C GLU B 31 -13.38 -4.51 -19.26
N ASN B 32 -12.48 -4.60 -20.23
CA ASN B 32 -11.07 -4.98 -20.02
C ASN B 32 -10.14 -3.77 -19.86
N ILE B 33 -10.72 -2.62 -19.53
CA ILE B 33 -9.98 -1.37 -19.29
C ILE B 33 -10.16 -0.94 -17.83
N PRO B 34 -9.06 -0.87 -17.06
CA PRO B 34 -9.15 -0.45 -15.66
C PRO B 34 -9.72 0.95 -15.46
N LYS B 35 -10.42 1.14 -14.35
CA LYS B 35 -10.92 2.45 -13.97
C LYS B 35 -10.44 2.84 -12.57
N LYS B 36 -10.53 4.13 -12.24
CA LYS B 36 -10.09 4.70 -10.97
C LYS B 36 -10.42 3.84 -9.73
N GLY B 37 -9.41 3.56 -8.91
CA GLY B 37 -9.63 2.86 -7.65
C GLY B 37 -9.45 1.35 -7.72
N ASN B 38 -9.22 0.81 -8.92
CA ASN B 38 -9.01 -0.65 -9.10
C ASN B 38 -7.63 -1.17 -8.65
N GLU B 39 -7.60 -2.40 -8.14
CA GLU B 39 -6.33 -3.08 -7.87
C GLU B 39 -5.74 -3.71 -9.13
N VAL B 40 -5.03 -2.84 -9.85
CA VAL B 40 -4.21 -3.18 -11.00
C VAL B 40 -2.98 -4.00 -10.56
N THR B 41 -2.75 -5.14 -11.23
CA THR B 41 -1.54 -5.94 -11.08
C THR B 41 -0.68 -5.88 -12.36
N VAL B 42 0.58 -5.49 -12.23
CA VAL B 42 1.47 -5.39 -13.39
C VAL B 42 2.81 -5.99 -13.09
N HIS B 43 3.56 -6.22 -14.16
CA HIS B 43 5.00 -6.55 -14.14
C HIS B 43 5.67 -5.44 -14.91
N TYR B 44 6.91 -5.14 -14.58
CA TYR B 44 7.57 -4.02 -15.23
C TYR B 44 9.08 -4.07 -15.18
N VAL B 45 9.70 -3.47 -16.19
CA VAL B 45 11.13 -3.19 -16.19
C VAL B 45 11.30 -1.69 -16.27
N GLY B 46 12.10 -1.13 -15.38
CA GLY B 46 12.40 0.28 -15.41
C GLY B 46 13.87 0.51 -15.68
N LYS B 47 14.14 1.30 -16.72
CA LYS B 47 15.51 1.73 -17.03
C LYS B 47 15.64 3.25 -17.17
N LEU B 48 16.87 3.75 -17.06
CA LEU B 48 17.13 5.15 -17.28
C LEU B 48 17.38 5.37 -18.76
N GLU B 49 16.60 6.27 -19.37
CA GLU B 49 16.91 6.70 -20.73
C GLU B 49 18.38 7.14 -20.86
N SER B 50 18.83 8.01 -19.95
CA SER B 50 20.18 8.59 -20.03
C SER B 50 21.31 7.55 -20.15
N THR B 51 21.27 6.50 -19.33
CA THR B 51 22.32 5.48 -19.35
C THR B 51 21.89 4.16 -19.98
N GLY B 52 20.59 3.96 -20.15
CA GLY B 52 20.04 2.66 -20.62
C GLY B 52 19.99 1.57 -19.55
N LYS B 53 20.42 1.91 -18.33
CA LYS B 53 20.60 0.96 -17.25
C LYS B 53 19.32 0.64 -16.49
N VAL B 54 19.13 -0.65 -16.19
CA VAL B 54 17.98 -1.17 -15.44
C VAL B 54 18.08 -0.86 -13.94
N PHE B 55 17.07 -0.19 -13.37
CA PHE B 55 17.09 0.14 -11.95
C PHE B 55 16.06 -0.62 -11.14
N ASP B 56 15.16 -1.32 -11.84
CA ASP B 56 14.08 -2.07 -11.22
C ASP B 56 13.43 -3.00 -12.24
N SER B 57 13.10 -4.19 -11.78
CA SER B 57 12.52 -5.24 -12.60
C SER B 57 11.81 -6.19 -11.67
N SER B 58 10.48 -6.21 -11.75
CA SER B 58 9.69 -7.14 -10.93
C SER B 58 9.75 -8.54 -11.51
N PHE B 59 10.06 -8.65 -12.79
CA PHE B 59 10.32 -9.96 -13.38
C PHE B 59 11.49 -10.59 -12.64
N ASP B 60 12.58 -9.84 -12.48
CA ASP B 60 13.82 -10.41 -11.91
C ASP B 60 13.68 -10.71 -10.42
N ARG B 61 12.66 -10.13 -9.80
CA ARG B 61 12.33 -10.40 -8.41
C ARG B 61 11.24 -11.47 -8.34
N ASN B 62 10.52 -11.62 -9.45
CA ASN B 62 9.42 -12.58 -9.55
C ASN B 62 8.28 -12.30 -8.59
N VAL B 63 7.99 -11.01 -8.39
CA VAL B 63 6.80 -10.61 -7.66
C VAL B 63 6.13 -9.51 -8.48
N PRO B 64 4.92 -9.80 -9.00
CA PRO B 64 4.11 -8.81 -9.70
C PRO B 64 3.75 -7.68 -8.76
N PHE B 65 3.44 -6.53 -9.33
CA PHE B 65 3.21 -5.34 -8.52
C PHE B 65 1.75 -4.85 -8.49
N LYS B 66 1.17 -4.75 -7.31
CA LYS B 66 -0.23 -4.37 -7.17
C LYS B 66 -0.33 -2.97 -6.61
N PHE B 67 -0.95 -2.05 -7.36
CA PHE B 67 -1.31 -0.72 -6.82
C PHE B 67 -2.71 -0.29 -7.25
N HIS B 68 -3.34 0.59 -6.47
CA HIS B 68 -4.65 1.10 -6.83
C HIS B 68 -4.48 2.19 -7.86
N LEU B 69 -5.18 2.05 -8.96
CA LEU B 69 -5.04 2.98 -10.08
C LEU B 69 -5.55 4.37 -9.71
N GLU B 70 -4.77 5.38 -10.11
CA GLU B 70 -5.01 6.81 -9.79
C GLU B 70 -5.35 7.18 -8.34
N GLN B 71 -4.77 6.44 -7.39
CA GLN B 71 -4.95 6.77 -5.98
C GLN B 71 -3.68 7.33 -5.35
N GLY B 72 -2.87 7.99 -6.17
CA GLY B 72 -1.60 8.59 -5.72
C GLY B 72 -0.55 7.65 -5.15
N GLU B 73 -0.58 6.38 -5.54
CA GLU B 73 0.22 5.34 -4.91
C GLU B 73 1.55 5.12 -5.57
N VAL B 74 1.69 5.56 -6.83
CA VAL B 74 2.90 5.38 -7.63
C VAL B 74 3.19 6.67 -8.41
N ILE B 75 4.31 6.72 -9.13
CA ILE B 75 4.65 7.87 -9.97
C ILE B 75 3.50 8.19 -10.92
N LYS B 76 3.31 9.48 -11.21
CA LYS B 76 2.19 9.88 -12.07
C LYS B 76 2.16 9.11 -13.37
N GLY B 77 3.30 9.11 -14.05
CA GLY B 77 3.47 8.39 -15.28
C GLY B 77 2.84 7.01 -15.22
N TRP B 78 3.05 6.32 -14.10
CA TRP B 78 2.53 4.97 -13.97
C TRP B 78 1.01 4.97 -13.94
N ASP B 79 0.44 5.99 -13.31
CA ASP B 79 -1.00 6.15 -13.22
C ASP B 79 -1.61 6.50 -14.59
N ILE B 80 -1.01 7.49 -15.26
CA ILE B 80 -1.45 7.92 -16.60
C ILE B 80 -1.25 6.83 -17.66
N CYS B 81 -0.21 6.01 -17.50
CA CYS B 81 0.07 4.91 -18.43
C CYS B 81 -0.94 3.79 -18.29
N VAL B 82 -0.99 3.16 -17.13
CA VAL B 82 -1.85 2.01 -16.88
C VAL B 82 -3.33 2.32 -17.12
N SER B 83 -3.72 3.59 -16.95
CA SER B 83 -5.12 3.98 -17.12
C SER B 83 -5.39 4.35 -18.58
N SER B 84 -4.48 3.91 -19.44
CA SER B 84 -4.73 3.90 -20.86
C SER B 84 -4.54 2.48 -21.38
N MET B 85 -4.40 1.52 -20.48
CA MET B 85 -4.07 0.14 -20.86
C MET B 85 -5.27 -0.81 -20.82
N ARG B 86 -5.07 -2.03 -21.32
CA ARG B 86 -6.11 -3.06 -21.40
C ARG B 86 -5.54 -4.40 -20.94
N LYS B 87 -6.40 -5.33 -20.49
CA LYS B 87 -5.94 -6.60 -19.89
C LYS B 87 -4.93 -7.34 -20.81
N ASN B 88 -3.85 -7.87 -20.22
CA ASN B 88 -2.80 -8.61 -20.94
C ASN B 88 -1.96 -7.79 -21.91
N GLU B 89 -2.19 -6.48 -21.94
CA GLU B 89 -1.41 -5.60 -22.80
C GLU B 89 0.04 -5.51 -22.31
N LYS B 90 0.98 -5.58 -23.23
CA LYS B 90 2.40 -5.40 -22.94
C LYS B 90 2.82 -4.13 -23.67
N CYS B 91 3.39 -3.18 -22.96
CA CYS B 91 3.74 -1.92 -23.60
C CYS B 91 5.01 -1.32 -23.01
N LEU B 92 5.36 -0.14 -23.51
CA LEU B 92 6.64 0.46 -23.16
C LEU B 92 6.48 1.96 -23.09
N VAL B 93 6.57 2.51 -21.88
CA VAL B 93 6.28 3.92 -21.70
C VAL B 93 7.54 4.73 -21.41
N ARG B 94 7.63 5.90 -22.04
CA ARG B 94 8.70 6.86 -21.80
C ARG B 94 8.16 7.96 -20.91
N ILE B 95 8.62 7.98 -19.67
CA ILE B 95 8.12 8.91 -18.67
C ILE B 95 9.13 10.03 -18.41
N GLU B 96 8.71 11.27 -18.65
CA GLU B 96 9.56 12.44 -18.39
C GLU B 96 9.64 12.76 -16.90
N SER B 97 10.72 13.43 -16.53
CA SER B 97 11.04 13.77 -15.13
C SER B 97 9.86 14.24 -14.27
N MET B 98 8.99 15.06 -14.84
CA MET B 98 7.88 15.59 -14.06
C MET B 98 6.86 14.52 -13.68
N TYR B 99 6.75 13.48 -14.49
CA TYR B 99 5.80 12.41 -14.21
C TYR B 99 6.53 11.24 -13.57
N GLY B 100 7.79 11.52 -13.19
CA GLY B 100 8.66 10.54 -12.57
C GLY B 100 9.05 10.98 -11.19
N TYR B 101 10.33 11.31 -10.98
CA TYR B 101 10.80 11.71 -9.65
C TYR B 101 11.39 13.12 -9.57
N GLY B 102 11.04 13.97 -10.54
CA GLY B 102 11.34 15.40 -10.49
C GLY B 102 12.81 15.74 -10.38
N ASP B 103 13.08 16.91 -9.83
CA ASP B 103 14.45 17.36 -9.65
C ASP B 103 15.17 16.53 -8.59
N GLU B 104 14.42 16.04 -7.60
CA GLU B 104 14.96 15.16 -6.56
C GLU B 104 15.57 13.88 -7.13
N GLY B 105 14.81 13.20 -7.99
CA GLY B 105 15.11 11.83 -8.34
C GLY B 105 14.74 10.96 -7.13
N CYS B 106 15.35 9.78 -7.05
CA CYS B 106 15.09 8.87 -5.96
C CYS B 106 16.28 7.98 -5.68
N GLY B 107 17.08 8.40 -4.70
CA GLY B 107 18.26 7.66 -4.26
C GLY B 107 19.39 7.68 -5.26
N GLU B 108 20.34 6.76 -5.10
CA GLU B 108 21.49 6.63 -6.01
C GLU B 108 21.03 6.09 -7.36
N SER B 109 20.00 5.23 -7.31
CA SER B 109 19.43 4.55 -8.47
C SER B 109 18.89 5.48 -9.55
N ILE B 110 18.24 6.58 -9.14
CA ILE B 110 17.59 7.51 -10.07
C ILE B 110 18.02 8.96 -9.84
N PRO B 111 18.85 9.50 -10.76
CA PRO B 111 19.30 10.90 -10.56
C PRO B 111 18.17 11.88 -10.81
N GLY B 112 18.37 13.13 -10.40
CA GLY B 112 17.43 14.21 -10.72
C GLY B 112 17.35 14.43 -12.22
N ASN B 113 16.23 14.99 -12.68
CA ASN B 113 15.98 15.19 -14.12
C ASN B 113 16.12 13.93 -14.98
N SER B 114 15.79 12.77 -14.41
CA SER B 114 15.88 11.54 -15.16
C SER B 114 14.59 11.23 -15.90
N VAL B 115 14.74 10.76 -17.13
CA VAL B 115 13.63 10.34 -17.96
C VAL B 115 13.61 8.84 -17.78
N LEU B 116 12.43 8.28 -17.59
CA LEU B 116 12.34 6.86 -17.27
C LEU B 116 11.69 6.08 -18.40
N LEU B 117 12.26 4.92 -18.73
CA LEU B 117 11.65 4.02 -19.71
C LEU B 117 11.20 2.76 -19.00
N PHE B 118 9.91 2.45 -19.09
CA PHE B 118 9.40 1.21 -18.54
C PHE B 118 8.82 0.33 -19.62
N GLU B 119 8.98 -0.97 -19.43
CA GLU B 119 8.04 -1.91 -19.97
C GLU B 119 7.05 -2.23 -18.86
N ILE B 120 5.76 -2.01 -19.15
CA ILE B 120 4.69 -2.40 -18.24
C ILE B 120 3.75 -3.38 -18.90
N GLU B 121 3.60 -4.55 -18.28
CA GLU B 121 2.63 -5.56 -18.68
C GLU B 121 1.50 -5.60 -17.66
N LEU B 122 0.31 -5.13 -18.05
CA LEU B 122 -0.90 -5.26 -17.22
C LEU B 122 -1.39 -6.70 -17.19
N LEU B 123 -1.31 -7.33 -16.03
CA LEU B 123 -1.69 -8.74 -15.90
C LEU B 123 -3.20 -8.89 -15.69
N SER B 124 -3.66 -8.48 -14.51
CA SER B 124 -5.08 -8.54 -14.14
C SER B 124 -5.48 -7.26 -13.40
N PHE B 125 -6.77 -7.03 -13.24
CA PHE B 125 -7.22 -5.92 -12.40
C PHE B 125 -8.57 -6.19 -11.75
N ARG B 126 -8.69 -5.82 -10.48
CA ARG B 126 -9.87 -6.10 -9.66
C ARG B 126 -10.76 -4.87 -9.48
N GLU B 127 -12.08 -5.10 -9.56
CA GLU B 127 -13.07 -4.04 -9.34
C GLU B 127 -13.16 -3.70 -7.85
N LEU B 128 -12.96 -2.42 -7.51
CA LEU B 128 -12.95 -1.98 -6.11
C LEU B 128 -13.90 -0.78 -5.82
N PHE C 7 -13.31 -10.88 -4.37
CA PHE C 7 -14.47 -11.26 -5.23
C PHE C 7 -15.81 -10.90 -4.57
N GLU C 8 -16.16 -11.70 -3.56
CA GLU C 8 -17.51 -11.84 -3.00
C GLU C 8 -18.24 -10.55 -2.54
N LYS C 9 -19.16 -10.06 -3.37
CA LYS C 9 -19.84 -8.79 -3.12
C LYS C 9 -21.23 -8.98 -2.48
N VAL C 10 -21.53 -8.17 -1.47
CA VAL C 10 -22.77 -8.32 -0.72
C VAL C 10 -23.35 -6.98 -0.25
N GLU C 11 -24.52 -6.65 -0.78
CA GLU C 11 -25.20 -5.38 -0.51
C GLU C 11 -25.84 -5.49 0.86
N LEU C 12 -25.59 -4.51 1.73
CA LEU C 12 -25.89 -4.67 3.16
C LEU C 12 -27.07 -3.87 3.64
N THR C 13 -27.37 -2.78 2.95
CA THR C 13 -28.63 -2.09 3.15
C THR C 13 -29.49 -2.29 1.90
N ALA C 14 -30.81 -2.27 2.09
CA ALA C 14 -31.75 -2.43 0.98
C ALA C 14 -31.52 -1.40 -0.14
N ASP C 15 -31.24 -0.16 0.28
CA ASP C 15 -30.98 0.95 -0.65
C ASP C 15 -29.61 0.86 -1.33
N GLY C 16 -28.64 0.23 -0.67
CA GLY C 16 -27.31 0.05 -1.24
C GLY C 16 -26.27 1.08 -0.83
N GLY C 17 -26.57 1.88 0.19
CA GLY C 17 -25.62 2.85 0.72
C GLY C 17 -24.39 2.25 1.40
N VAL C 18 -24.45 0.93 1.64
CA VAL C 18 -23.41 0.21 2.38
C VAL C 18 -23.14 -1.13 1.71
N ILE C 19 -22.02 -1.25 0.99
CA ILE C 19 -21.66 -2.50 0.31
C ILE C 19 -20.33 -3.07 0.80
N LYS C 20 -20.43 -4.25 1.41
CA LYS C 20 -19.31 -5.01 1.93
C LYS C 20 -18.73 -5.93 0.85
N THR C 21 -17.40 -5.94 0.73
CA THR C 21 -16.69 -6.86 -0.16
C THR C 21 -15.69 -7.64 0.68
N ILE C 22 -15.93 -8.93 0.89
CA ILE C 22 -15.12 -9.69 1.84
C ILE C 22 -13.82 -10.10 1.18
N LEU C 23 -12.70 -9.69 1.80
CA LEU C 23 -11.39 -10.04 1.27
C LEU C 23 -10.85 -11.30 1.91
N LYS C 24 -11.25 -11.57 3.15
CA LYS C 24 -10.79 -12.76 3.84
C LYS C 24 -11.90 -13.29 4.73
N LYS C 25 -12.09 -14.60 4.67
CA LYS C 25 -13.18 -15.26 5.41
C LYS C 25 -12.85 -15.26 6.90
N GLY C 26 -13.82 -14.88 7.72
CA GLY C 26 -13.67 -14.97 9.17
C GLY C 26 -13.72 -16.42 9.63
N ASP C 27 -13.61 -16.63 10.93
CA ASP C 27 -13.77 -17.96 11.52
C ASP C 27 -15.21 -18.47 11.32
N GLU C 28 -15.34 -19.78 11.02
CA GLU C 28 -16.64 -20.38 10.72
C GLU C 28 -17.62 -20.41 11.89
N GLY C 29 -18.89 -20.10 11.60
CA GLY C 29 -19.99 -20.32 12.54
C GLY C 29 -20.53 -19.10 13.27
N GLU C 30 -21.78 -19.24 13.73
CA GLU C 30 -22.54 -18.18 14.42
C GLU C 30 -21.85 -17.65 15.69
N GLU C 31 -21.31 -18.57 16.48
CA GLU C 31 -20.46 -18.27 17.64
C GLU C 31 -19.57 -17.03 17.46
N ASN C 32 -19.12 -16.78 16.23
CA ASN C 32 -18.11 -15.76 15.94
C ASN C 32 -18.60 -14.42 15.35
N ILE C 33 -19.92 -14.22 15.33
CA ILE C 33 -20.48 -12.93 14.93
C ILE C 33 -20.68 -12.08 16.19
N PRO C 34 -20.35 -10.79 16.14
CA PRO C 34 -20.67 -9.94 17.28
C PRO C 34 -22.14 -9.54 17.26
N LYS C 35 -22.76 -9.56 18.44
CA LYS C 35 -24.17 -9.17 18.64
C LYS C 35 -24.25 -7.77 19.28
N LYS C 36 -25.29 -7.01 18.95
CA LYS C 36 -25.51 -5.65 19.46
C LYS C 36 -25.08 -5.43 20.92
N GLY C 37 -24.33 -4.36 21.15
CA GLY C 37 -23.87 -4.00 22.50
C GLY C 37 -22.46 -4.48 22.83
N ASN C 38 -21.95 -5.40 22.01
CA ASN C 38 -20.62 -5.97 22.19
C ASN C 38 -19.51 -4.95 21.99
N GLU C 39 -18.43 -5.11 22.77
CA GLU C 39 -17.21 -4.34 22.54
C GLU C 39 -16.34 -5.04 21.49
N VAL C 40 -16.10 -4.34 20.39
CA VAL C 40 -15.42 -4.92 19.25
C VAL C 40 -14.09 -4.21 18.97
N THR C 41 -13.05 -4.99 18.71
CA THR C 41 -11.73 -4.50 18.35
C THR C 41 -11.47 -4.71 16.86
N VAL C 42 -11.14 -3.63 16.15
CA VAL C 42 -10.90 -3.71 14.72
C VAL C 42 -9.69 -2.89 14.30
N HIS C 43 -9.01 -3.31 13.25
CA HIS C 43 -8.11 -2.41 12.52
C HIS C 43 -8.87 -1.85 11.34
N TYR C 44 -8.51 -0.64 10.91
CA TYR C 44 -9.21 -0.04 9.79
C TYR C 44 -8.41 1.02 9.06
N VAL C 45 -8.75 1.20 7.79
CA VAL C 45 -8.24 2.33 7.03
C VAL C 45 -9.41 2.94 6.24
N GLY C 46 -9.59 4.25 6.36
CA GLY C 46 -10.61 4.94 5.63
C GLY C 46 -10.06 5.89 4.60
N LYS C 47 -10.61 5.82 3.39
CA LYS C 47 -10.19 6.72 2.30
C LYS C 47 -11.38 7.31 1.54
N LEU C 48 -11.19 8.50 0.99
CA LEU C 48 -12.25 9.13 0.21
C LEU C 48 -12.32 8.51 -1.17
N GLU C 49 -13.49 8.04 -1.56
CA GLU C 49 -13.67 7.51 -2.91
C GLU C 49 -13.31 8.55 -3.97
N SER C 50 -13.55 9.82 -3.66
CA SER C 50 -13.32 10.90 -4.61
C SER C 50 -11.84 11.12 -4.90
N THR C 51 -11.06 11.45 -3.89
CA THR C 51 -9.64 11.74 -4.08
C THR C 51 -8.79 10.48 -4.03
N GLY C 52 -9.28 9.45 -3.32
CA GLY C 52 -8.47 8.28 -3.00
C GLY C 52 -7.63 8.42 -1.74
N LYS C 53 -7.50 9.64 -1.21
CA LYS C 53 -6.65 9.95 -0.04
C LYS C 53 -7.13 9.27 1.24
N VAL C 54 -6.17 8.74 2.01
CA VAL C 54 -6.44 8.19 3.33
C VAL C 54 -6.76 9.34 4.26
N PHE C 55 -7.85 9.23 5.01
CA PHE C 55 -8.13 10.22 6.05
C PHE C 55 -7.85 9.65 7.44
N ASP C 56 -7.88 8.32 7.56
CA ASP C 56 -7.68 7.67 8.86
C ASP C 56 -7.21 6.23 8.74
N SER C 57 -6.36 5.82 9.67
CA SER C 57 -5.74 4.51 9.60
C SER C 57 -5.25 4.03 10.96
N SER C 58 -5.94 3.04 11.53
CA SER C 58 -5.52 2.45 12.81
C SER C 58 -4.19 1.71 12.67
N PHE C 59 -3.91 1.23 11.46
CA PHE C 59 -2.71 0.48 11.20
C PHE C 59 -1.51 1.39 11.41
N ASP C 60 -1.55 2.54 10.75
CA ASP C 60 -0.52 3.59 10.76
C ASP C 60 -0.17 4.18 12.13
N ARG C 61 -1.03 3.95 13.13
CA ARG C 61 -0.82 4.36 14.52
C ARG C 61 -0.34 3.17 15.34
N ASN C 62 -0.63 1.96 14.86
CA ASN C 62 -0.46 0.72 15.63
C ASN C 62 -1.31 0.66 16.91
N VAL C 63 -2.55 1.13 16.83
CA VAL C 63 -3.55 0.86 17.87
C VAL C 63 -4.88 0.32 17.32
N PRO C 64 -5.13 -0.98 17.53
CA PRO C 64 -6.44 -1.51 17.19
C PRO C 64 -7.52 -0.65 17.84
N PHE C 65 -8.61 -0.39 17.13
CA PHE C 65 -9.66 0.52 17.57
C PHE C 65 -10.81 -0.25 18.20
N LYS C 66 -11.38 0.32 19.26
CA LYS C 66 -12.43 -0.33 20.03
C LYS C 66 -13.64 0.56 20.18
N PHE C 67 -14.81 0.02 19.85
CA PHE C 67 -16.09 0.69 20.08
C PHE C 67 -17.18 -0.33 20.42
N HIS C 68 -18.34 0.18 20.84
CA HIS C 68 -19.44 -0.69 21.17
C HIS C 68 -20.41 -0.77 19.98
N LEU C 69 -20.73 -2.01 19.58
CA LEU C 69 -21.43 -2.24 18.33
C LEU C 69 -22.90 -1.86 18.41
N GLU C 70 -23.37 -1.08 17.43
CA GLU C 70 -24.75 -0.59 17.33
C GLU C 70 -25.22 0.17 18.57
N GLN C 71 -24.37 1.07 19.05
CA GLN C 71 -24.66 1.89 20.20
C GLN C 71 -24.38 3.32 19.83
N GLY C 72 -24.78 3.71 18.63
CA GLY C 72 -24.39 5.03 18.08
C GLY C 72 -23.02 5.57 18.52
N GLU C 73 -21.98 4.73 18.50
CA GLU C 73 -20.63 5.20 18.83
C GLU C 73 -19.87 5.60 17.55
N VAL C 74 -20.13 4.89 16.46
CA VAL C 74 -19.45 5.12 15.19
C VAL C 74 -20.47 5.52 14.12
N ILE C 75 -20.05 5.67 12.87
CA ILE C 75 -21.00 5.98 11.81
C ILE C 75 -21.85 4.76 11.46
N LYS C 76 -23.10 5.00 11.08
CA LYS C 76 -24.06 3.91 10.87
C LYS C 76 -23.54 2.83 9.94
N GLY C 77 -22.78 3.24 8.94
CA GLY C 77 -22.18 2.30 7.99
C GLY C 77 -21.32 1.25 8.70
N TRP C 78 -20.55 1.70 9.68
CA TRP C 78 -19.71 0.83 10.48
C TRP C 78 -20.53 -0.16 11.28
N ASP C 79 -21.52 0.36 12.02
CA ASP C 79 -22.45 -0.48 12.77
C ASP C 79 -23.06 -1.58 11.86
N ILE C 80 -23.62 -1.17 10.72
CA ILE C 80 -24.18 -2.12 9.77
C ILE C 80 -23.14 -3.14 9.29
N CYS C 81 -21.96 -2.66 8.90
CA CYS C 81 -20.87 -3.51 8.40
C CYS C 81 -20.41 -4.52 9.44
N VAL C 82 -19.91 -4.01 10.56
CA VAL C 82 -19.30 -4.85 11.58
C VAL C 82 -20.32 -5.86 12.13
N SER C 83 -21.59 -5.50 12.02
CA SER C 83 -22.69 -6.42 12.35
C SER C 83 -22.67 -7.69 11.53
N SER C 84 -22.29 -7.56 10.26
CA SER C 84 -22.25 -8.67 9.33
C SER C 84 -20.96 -9.50 9.38
N MET C 85 -19.98 -9.03 10.14
CA MET C 85 -18.64 -9.62 10.11
C MET C 85 -18.48 -10.80 11.06
N ARG C 86 -17.67 -11.78 10.67
CA ARG C 86 -17.25 -12.85 11.60
C ARG C 86 -15.87 -12.48 12.14
N LYS C 87 -15.48 -13.03 13.30
CA LYS C 87 -14.14 -12.76 13.83
C LYS C 87 -13.07 -13.11 12.78
N ASN C 88 -12.09 -12.21 12.62
CA ASN C 88 -11.01 -12.34 11.62
C ASN C 88 -11.43 -12.12 10.18
N GLU C 89 -12.53 -11.42 9.96
CA GLU C 89 -12.95 -11.09 8.63
C GLU C 89 -12.18 -9.87 8.18
N LYS C 90 -11.62 -9.93 6.98
CA LYS C 90 -11.12 -8.72 6.33
C LYS C 90 -12.08 -8.33 5.22
N CYS C 91 -12.62 -7.12 5.31
CA CYS C 91 -13.52 -6.63 4.29
C CYS C 91 -13.21 -5.23 3.82
N LEU C 92 -13.75 -4.92 2.65
CA LEU C 92 -13.79 -3.58 2.10
C LEU C 92 -15.26 -3.14 2.11
N VAL C 93 -15.54 -1.97 2.66
CA VAL C 93 -16.92 -1.50 2.69
C VAL C 93 -17.05 -0.12 2.07
N ARG C 94 -18.03 0.04 1.19
CA ARG C 94 -18.32 1.31 0.55
C ARG C 94 -19.50 1.98 1.25
N ILE C 95 -19.26 3.15 1.84
CA ILE C 95 -20.26 3.82 2.67
C ILE C 95 -20.67 5.18 2.10
N GLU C 96 -21.96 5.31 1.78
CA GLU C 96 -22.47 6.53 1.14
C GLU C 96 -22.79 7.61 2.18
N SER C 97 -22.63 8.88 1.79
CA SER C 97 -22.77 10.02 2.70
C SER C 97 -23.89 9.88 3.74
N MET C 98 -25.01 9.28 3.34
CA MET C 98 -26.15 9.06 4.23
C MET C 98 -25.81 8.21 5.46
N TYR C 99 -25.06 7.13 5.25
CA TYR C 99 -24.60 6.24 6.32
C TYR C 99 -23.21 6.66 6.84
N GLY C 100 -22.75 7.81 6.37
CA GLY C 100 -21.46 8.37 6.75
C GLY C 100 -21.72 9.61 7.57
N TYR C 101 -21.32 10.76 7.04
CA TYR C 101 -21.61 12.04 7.71
C TYR C 101 -22.65 12.90 7.01
N GLY C 102 -22.84 12.70 5.72
CA GLY C 102 -23.91 13.38 4.99
C GLY C 102 -23.56 14.77 4.51
N ASP C 103 -24.56 15.65 4.49
CA ASP C 103 -24.45 16.99 3.92
C ASP C 103 -23.37 17.87 4.54
N GLU C 104 -23.10 17.68 5.83
CA GLU C 104 -22.18 18.54 6.55
C GLU C 104 -20.73 18.06 6.47
N GLY C 105 -20.56 16.75 6.31
CA GLY C 105 -19.24 16.12 6.39
C GLY C 105 -18.74 16.13 7.83
N CYS C 106 -17.47 15.84 8.03
CA CYS C 106 -16.91 15.87 9.36
C CYS C 106 -15.42 16.15 9.32
N GLY C 107 -14.99 17.15 10.07
CA GLY C 107 -13.59 17.52 10.13
C GLY C 107 -13.09 18.18 8.86
N GLU C 108 -11.84 18.62 8.90
CA GLU C 108 -11.23 19.37 7.81
C GLU C 108 -10.63 18.42 6.79
N SER C 109 -11.09 17.17 6.83
CA SER C 109 -10.56 16.11 5.99
C SER C 109 -11.67 15.20 5.44
N ILE C 110 -12.90 15.49 5.82
CA ILE C 110 -14.07 14.84 5.20
C ILE C 110 -15.09 15.92 4.89
N PRO C 111 -15.30 16.21 3.60
CA PRO C 111 -16.25 17.25 3.24
C PRO C 111 -17.68 16.72 3.19
N GLY C 112 -18.62 17.60 2.85
CA GLY C 112 -20.01 17.22 2.68
C GLY C 112 -20.18 16.14 1.63
N ASN C 113 -21.30 15.43 1.72
CA ASN C 113 -21.72 14.45 0.73
C ASN C 113 -20.58 13.60 0.14
N SER C 114 -19.77 12.98 1.02
CA SER C 114 -18.64 12.15 0.62
C SER C 114 -18.89 10.66 0.74
N VAL C 115 -18.62 9.93 -0.33
CA VAL C 115 -18.60 8.47 -0.28
C VAL C 115 -17.27 8.07 0.36
N LEU C 116 -17.35 7.22 1.39
CA LEU C 116 -16.16 6.77 2.11
C LEU C 116 -15.90 5.32 1.83
N LEU C 117 -14.64 4.98 1.57
CA LEU C 117 -14.20 3.59 1.45
C LEU C 117 -13.37 3.20 2.66
N PHE C 118 -13.77 2.12 3.32
CA PHE C 118 -13.06 1.60 4.48
C PHE C 118 -12.60 0.21 4.20
N GLU C 119 -11.53 -0.17 4.88
CA GLU C 119 -11.16 -1.55 5.02
C GLU C 119 -11.29 -1.80 6.51
N ILE C 120 -11.96 -2.88 6.88
CA ILE C 120 -12.13 -3.20 8.29
C ILE C 120 -11.75 -4.65 8.53
N GLU C 121 -10.88 -4.84 9.51
CA GLU C 121 -10.54 -6.18 10.00
C GLU C 121 -11.05 -6.30 11.44
N LEU C 122 -12.08 -7.13 11.62
CA LEU C 122 -12.61 -7.44 12.94
C LEU C 122 -11.65 -8.38 13.67
N LEU C 123 -10.92 -7.89 14.67
CA LEU C 123 -9.89 -8.70 15.30
C LEU C 123 -10.41 -9.64 16.38
N SER C 124 -11.20 -9.11 17.30
CA SER C 124 -11.65 -9.83 18.47
C SER C 124 -12.87 -9.09 18.99
N PHE C 125 -13.72 -9.75 19.77
CA PHE C 125 -14.81 -9.04 20.45
C PHE C 125 -15.18 -9.67 21.77
N ARG C 126 -15.85 -8.91 22.62
CA ARG C 126 -16.32 -9.43 23.92
C ARG C 126 -17.63 -8.77 24.38
N GLU C 127 -18.19 -9.24 25.49
CA GLU C 127 -19.45 -8.68 26.00
C GLU C 127 -19.25 -7.65 27.09
O1 D44 D . 12.76 0.40 -0.29
C2 D44 D . 11.70 0.99 -0.26
N3 D44 D . 10.93 1.20 -1.33
C4 D44 D . 11.23 0.72 -2.64
C9 D44 D . 11.81 -0.53 -2.82
C8 D44 D . 12.12 -1.03 -4.10
C7 D44 D . 11.86 -0.25 -5.21
C6 D44 D . 11.28 1.00 -5.05
C5 D44 D . 10.96 1.51 -3.78
C10 D44 D . 10.33 2.89 -3.63
C11 D44 D . 10.21 3.64 -4.95
C12 D44 D . 11.28 1.55 1.08
S13 D44 D . 9.56 1.96 1.15
C14 D44 D . 9.23 3.43 0.29
N18 D44 D . 7.97 3.78 0.00
C17 D44 D . 8.15 4.93 -0.67
N22 D44 D . 7.17 5.71 -1.19
C21 D44 D . 7.51 6.84 -1.83
C20 D44 D . 8.85 7.21 -1.95
C19 D44 D . 9.86 6.41 -1.42
C16 D44 D . 9.50 5.25 -0.75
N15 D44 D . 10.19 4.25 -0.13
O1 D44 E . 6.06 4.16 -8.35
C2 D44 E . 6.99 3.39 -8.51
N3 D44 E . 7.46 2.62 -7.55
C4 D44 E . 6.96 2.61 -6.23
C9 D44 E . 6.53 3.80 -5.61
C8 D44 E . 6.04 3.77 -4.29
C7 D44 E . 5.99 2.56 -3.58
C6 D44 E . 6.44 1.38 -4.20
C5 D44 E . 6.94 1.40 -5.53
C10 D44 E . 7.40 0.13 -6.22
C11 D44 E . 8.23 -0.78 -5.31
C12 D44 E . 7.65 3.31 -9.87
S13 D44 E . 8.76 1.95 -10.01
C14 D44 E . 10.28 2.32 -9.18
N18 D44 E . 11.22 1.37 -9.06
C17 D44 E . 12.21 2.00 -8.39
N22 D44 E . 13.41 1.46 -8.03
C21 D44 E . 14.29 2.23 -7.36
C20 D44 E . 13.97 3.56 -7.06
C19 D44 E . 12.76 4.12 -7.43
C16 D44 E . 11.84 3.32 -8.12
N15 D44 E . 10.60 3.51 -8.64
O1 D44 F . -15.60 5.99 14.60
C2 D44 F . -16.14 6.84 13.90
N3 D44 F . -16.60 8.04 14.34
C4 D44 F . -16.58 8.52 15.67
C9 D44 F . -16.43 7.66 16.77
C8 D44 F . -16.44 8.14 18.07
C7 D44 F . -16.60 9.50 18.30
C6 D44 F . -16.74 10.37 17.22
C5 D44 F . -16.73 9.89 15.91
C10 D44 F . -16.88 10.87 14.78
C11 D44 F . -18.27 11.51 14.88
C12 D44 F . -16.29 6.58 12.42
S13 D44 F . -14.69 6.43 11.66
C14 D44 F . -13.86 7.97 11.47
N18 D44 F . -12.55 8.05 11.15
C17 D44 F . -12.34 9.40 11.11
N22 D44 F . -11.17 10.05 10.84
C21 D44 F . -11.13 11.40 10.84
C20 D44 F . -12.28 12.14 11.13
C19 D44 F . -13.48 11.49 11.41
C16 D44 F . -13.52 10.09 11.40
N15 D44 F . -14.49 9.16 11.62
#